data_8X9N
#
_entry.id   8X9N
#
_cell.length_a   1.00
_cell.length_b   1.00
_cell.length_c   1.00
_cell.angle_alpha   90.00
_cell.angle_beta   90.00
_cell.angle_gamma   90.00
#
_symmetry.space_group_name_H-M   'P 1'
#
loop_
_entity.id
_entity.type
_entity.pdbx_description
1 polymer 'RNA (219-mer)'
2 polymer 'RNA (589-mer)'
3 non-polymer 'MAGNESIUM ION'
4 non-polymer 'POTASSIUM ION'
5 water water
#
loop_
_entity_poly.entity_id
_entity_poly.type
_entity_poly.pdbx_seq_one_letter_code
_entity_poly.pdbx_strand_id
1 'polyribonucleotide'
;GCCGGGGCGCCACCCCGGAAGUGAUGCGAGUCGCAACUCGCAUCACAAGCAAACGCUGUAGCCGCGUGCCUCUAAUAGGG
CUGGCGCGGUUGCGAAGGGCGCUGGUGAGUGCAACUCUCACCUUCGACCCAAUCCAUCUUGCGGCUCAACCCCGCAAGAU
CAUCGCCAGACCGCUGGCGGCGUACUGAGUGACAAACGAGGCAAAACCAAAUUGAAGUU
;
E
2 'polyribonucleotide'
;GGGCGACCGUGAAACGGCGCUGGGCAGGAAAUGGCCCAGUGACCUGGUCAAUGGUGAAAAUCGGUGAAAGACCGACCGGU
GGGGCGUAUCGAAAGAGCGCAACGCCUGCCGCACAGGAUGGCUUCUGAGGUACCGGUGACGGUACAGAACGCGGAGGGGA
AACCUGGAAGCGAGGGCACCUCGGGAAACCGGGGGUCGAUGCAUAGCUCAAACCUGUAACGGCACCAGUGAAGGGUGCUG
UGCGGAGCAACGUGGAGCCACAGGCAUGAAGCCGUGGUUCGUAGUCGAUGAGACAAGCGGUGAGUAAGGGAAGGGCUGCG
AACAUCGCCUCCCCGAAAUCCAAGGAAAGCCGAAAGGCUAGCCGCUUUGUUGAGACAGUGGCGCCACGUUGCGCAUUAGC
CGUGACCUAAACGGGGAACCUCUUGGCCGUACCGACUCGGGUGGCACCGGUCGGGCUCGAUGGCUCAAGAGGGGGUGAUG
UGAUGAUUAGGGUUUGACCCGUGAUGCGAUACGACCGAAGCAUCCGGGGAGCUGUCUGACGAAGAGUCGGCAGCAGUGGG
UUUGGCGACCCGCUCCGAAAGUCGCAAGC
;
A
#